data_7EVL
#
_entry.id   7EVL
#
_cell.length_a   40.166
_cell.length_b   79.515
_cell.length_c   90.892
_cell.angle_alpha   90.000
_cell.angle_beta   90.000
_cell.angle_gamma   90.000
#
_symmetry.space_group_name_H-M   'P 21 21 21'
#
loop_
_entity.id
_entity.type
_entity.pdbx_description
1 polymer 'Tubulin-like protein'
2 non-polymer "GUANOSINE-5'-TRIPHOSPHATE"
3 non-polymer "GUANOSINE-5'-DIPHOSPHATE"
4 non-polymer 'SODIUM ION'
5 water water
#
_entity_poly.entity_id   1
_entity_poly.type   'polypeptide(L)'
_entity_poly.pdbx_seq_one_letter_code
;MPGREILVLHVGQGGNQIGYNFWKTICEEHNIDIRSNQRKSVEEDKVDYKSVFLVEAPDGFHPRALFIDLEPLAVEFLVK
EMKLGSFFSEDLMVLSYSGAHNVWSIGYQTGKKLIPVILEKIRDTMPETLQGFLIIHTLGGGTGSGFGSLLTETLKKEFP
GKGVLNFSVLPSEVNDVTLAPYNTVLSLNHLSRFSDLVVLFDNTALIRIVKDQLNYPVIKQFSDLNFLIGRVMASITASL
RFPGPLNMDLMEMAHNLVALPETKFIIPSVAPLTKEESEMSTELDLVERCFDPTHYMVNCSGQGKTISSVLMFRGNIAIE
NAFSIMTDIKSNVAFAPGVHPDLGLKYGICESAPVDFDKEVTLLSNNTIISEVFNRVLERFDSLFNRDWYTSDYVNAGTS
KSNLKEARDNFDRIIKIYKEIEGSQ
;
_entity_poly.pdbx_strand_id   B
#
loop_
_chem_comp.id
_chem_comp.type
_chem_comp.name
_chem_comp.formula
GDP RNA linking GUANOSINE-5'-DIPHOSPHATE 'C10 H15 N5 O11 P2'
GTP non-polymer GUANOSINE-5'-TRIPHOSPHATE 'C10 H16 N5 O14 P3'
NA non-polymer 'SODIUM ION' 'Na 1'
#
# COMPACT_ATOMS: atom_id res chain seq x y z
N ARG A 4 7.69 -14.66 -10.81
CA ARG A 4 7.65 -13.73 -9.69
C ARG A 4 7.31 -12.31 -10.16
N GLU A 5 6.89 -12.19 -11.43
CA GLU A 5 6.61 -10.88 -12.00
C GLU A 5 5.36 -10.27 -11.39
N ILE A 6 5.37 -8.95 -11.25
CA ILE A 6 4.28 -8.20 -10.63
C ILE A 6 3.90 -7.04 -11.54
N LEU A 7 2.60 -6.84 -11.71
CA LEU A 7 2.05 -5.69 -12.43
C LEU A 7 1.43 -4.74 -11.41
N VAL A 8 1.70 -3.44 -11.57
CA VAL A 8 1.23 -2.42 -10.64
C VAL A 8 0.17 -1.58 -11.35
N LEU A 9 -0.88 -1.22 -10.61
CA LEU A 9 -1.95 -0.38 -11.13
C LEU A 9 -2.13 0.84 -10.24
N HIS A 10 -1.91 2.02 -10.80
CA HIS A 10 -2.11 3.29 -10.09
C HIS A 10 -3.44 3.89 -10.54
N VAL A 11 -4.32 4.18 -9.59
CA VAL A 11 -5.67 4.66 -9.89
C VAL A 11 -5.91 5.98 -9.16
N GLY A 12 -6.33 7.00 -9.89
CA GLY A 12 -6.62 8.29 -9.31
C GLY A 12 -5.39 9.16 -9.16
N GLN A 13 -5.62 10.39 -8.70
CA GLN A 13 -4.53 11.33 -8.53
C GLN A 13 -3.51 10.82 -7.50
N GLY A 14 -3.99 10.41 -6.34
CA GLY A 14 -3.09 9.92 -5.31
C GLY A 14 -2.33 8.69 -5.74
N GLY A 15 -3.05 7.72 -6.33
CA GLY A 15 -2.40 6.50 -6.75
C GLY A 15 -1.31 6.73 -7.78
N ASN A 16 -1.56 7.65 -8.72
CA ASN A 16 -0.57 7.94 -9.76
C ASN A 16 0.57 8.80 -9.24
N GLN A 17 0.26 9.73 -8.32
CA GLN A 17 1.32 10.56 -7.76
C GLN A 17 2.25 9.73 -6.89
N ILE A 18 1.69 8.80 -6.09
CA ILE A 18 2.52 7.87 -5.33
C ILE A 18 3.41 7.07 -6.26
N GLY A 19 2.93 6.76 -7.47
CA GLY A 19 3.70 5.98 -8.42
C GLY A 19 4.99 6.63 -8.84
N TYR A 20 5.11 7.95 -8.70
CA TYR A 20 6.36 8.61 -9.03
C TYR A 20 7.47 8.22 -8.05
N ASN A 21 7.17 8.29 -6.75
CA ASN A 21 8.19 7.98 -5.75
C ASN A 21 8.49 6.49 -5.68
N PHE A 22 7.48 5.64 -5.91
CA PHE A 22 7.71 4.20 -5.86
C PHE A 22 8.63 3.76 -6.98
N TRP A 23 8.32 4.14 -8.22
CA TRP A 23 9.15 3.73 -9.35
C TRP A 23 10.51 4.41 -9.33
N LYS A 24 10.59 5.60 -8.73
CA LYS A 24 11.89 6.24 -8.55
C LYS A 24 12.77 5.43 -7.59
N THR A 25 12.17 4.91 -6.51
CA THR A 25 12.92 4.09 -5.57
C THR A 25 13.26 2.74 -6.15
N ILE A 26 12.36 2.16 -6.94
CA ILE A 26 12.63 0.88 -7.61
C ILE A 26 13.78 1.05 -8.61
N CYS A 27 13.73 2.12 -9.39
CA CYS A 27 14.80 2.40 -10.35
C CYS A 27 16.13 2.58 -9.63
N GLU A 28 16.13 3.32 -8.52
CA GLU A 28 17.36 3.58 -7.79
C GLU A 28 17.93 2.31 -7.19
N GLU A 29 17.06 1.43 -6.68
CA GLU A 29 17.53 0.18 -6.09
C GLU A 29 18.14 -0.74 -7.14
N HIS A 30 17.69 -0.64 -8.39
CA HIS A 30 18.22 -1.45 -9.48
C HIS A 30 19.25 -0.69 -10.31
N ASN A 31 19.80 0.41 -9.78
CA ASN A 31 20.82 1.20 -10.45
C ASN A 31 20.33 1.74 -11.80
N ILE A 32 19.17 2.38 -11.77
CA ILE A 32 18.59 2.99 -12.96
C ILE A 32 18.15 4.40 -12.60
N ASP A 33 18.49 5.36 -13.45
CA ASP A 33 17.95 6.71 -13.33
C ASP A 33 16.61 6.72 -14.06
N ILE A 34 15.53 6.92 -13.29
CA ILE A 34 14.16 6.73 -13.77
C ILE A 34 13.92 7.44 -15.09
N ARG A 35 14.65 8.50 -15.34
CA ARG A 35 14.35 9.34 -16.48
C ARG A 35 14.94 8.78 -17.78
N SER A 36 16.16 8.26 -17.72
CA SER A 36 16.82 7.75 -18.91
C SER A 36 16.23 6.43 -19.40
N ASN A 37 15.59 5.66 -18.51
CA ASN A 37 15.18 4.27 -18.74
C ASN A 37 16.38 3.35 -18.94
N GLN A 38 17.59 3.84 -18.75
CA GLN A 38 18.81 3.11 -19.02
C GLN A 38 19.59 2.94 -17.71
N ARG A 39 20.41 1.89 -17.67
CA ARG A 39 21.20 1.61 -16.48
C ARG A 39 22.20 2.72 -16.22
N LYS A 40 22.32 3.12 -14.95
CA LYS A 40 23.47 3.92 -14.53
C LYS A 40 24.73 3.06 -14.50
N SER A 41 24.59 1.82 -14.03
CA SER A 41 25.71 0.89 -13.92
C SER A 41 25.20 -0.51 -14.19
N VAL A 42 26.09 -1.38 -14.66
CA VAL A 42 25.75 -2.79 -14.83
C VAL A 42 26.19 -3.53 -13.58
N GLU A 43 26.62 -2.79 -12.55
CA GLU A 43 27.21 -3.44 -11.39
C GLU A 43 26.22 -4.35 -10.67
N GLU A 44 24.96 -3.95 -10.54
CA GLU A 44 24.01 -4.77 -9.80
C GLU A 44 23.10 -5.61 -10.70
N ASP A 45 23.17 -5.45 -12.02
CA ASP A 45 22.28 -6.20 -12.91
C ASP A 45 22.41 -7.71 -12.71
N LYS A 46 23.56 -8.20 -12.26
CA LYS A 46 23.74 -9.63 -12.24
C LYS A 46 23.41 -10.26 -10.91
N VAL A 47 23.28 -9.48 -9.85
CA VAL A 47 22.74 -9.98 -8.59
C VAL A 47 21.31 -9.49 -8.37
N ASP A 48 20.70 -8.84 -9.37
CA ASP A 48 19.31 -8.45 -9.26
C ASP A 48 18.46 -9.22 -10.26
N TYR A 49 17.15 -9.18 -10.02
CA TYR A 49 16.14 -9.77 -10.90
C TYR A 49 15.19 -8.64 -11.29
N LYS A 50 15.63 -7.81 -12.24
CA LYS A 50 14.89 -6.63 -12.64
C LYS A 50 13.52 -6.93 -13.21
N SER A 51 13.24 -8.18 -13.59
CA SER A 51 12.00 -8.51 -14.27
C SER A 51 10.78 -8.47 -13.38
N VAL A 52 10.95 -8.40 -12.06
CA VAL A 52 9.79 -8.41 -11.16
C VAL A 52 8.92 -7.18 -11.40
N PHE A 53 9.54 -6.01 -11.52
CA PHE A 53 8.81 -4.77 -11.75
C PHE A 53 9.17 -4.07 -13.05
N LEU A 54 10.34 -4.33 -13.62
CA LEU A 54 10.84 -3.58 -14.77
C LEU A 54 10.85 -4.47 -16.01
N VAL A 55 10.33 -3.94 -17.12
CA VAL A 55 10.36 -4.61 -18.41
C VAL A 55 11.48 -4.00 -19.23
N GLU A 56 12.27 -4.86 -19.89
CA GLU A 56 13.49 -4.46 -20.57
C GLU A 56 13.22 -4.18 -22.05
N ALA A 57 13.99 -3.23 -22.59
CA ALA A 57 13.92 -2.87 -24.00
C ALA A 57 15.18 -2.10 -24.35
N PRO A 58 15.63 -2.15 -25.60
CA PRO A 58 16.84 -1.39 -25.96
C PRO A 58 16.68 0.10 -25.85
N ASP A 59 15.52 0.64 -26.23
CA ASP A 59 15.28 2.06 -26.05
C ASP A 59 15.23 2.42 -24.57
N GLY A 60 14.72 1.52 -23.73
CA GLY A 60 14.74 1.77 -22.31
C GLY A 60 13.88 0.85 -21.45
N PHE A 61 14.17 0.84 -20.15
CA PHE A 61 13.33 0.11 -19.21
C PHE A 61 11.92 0.71 -19.19
N HIS A 62 10.94 -0.16 -19.03
CA HIS A 62 9.56 0.23 -18.83
C HIS A 62 9.03 -0.40 -17.57
N PRO A 63 8.24 0.33 -16.78
CA PRO A 63 7.61 -0.29 -15.61
C PRO A 63 6.48 -1.21 -16.04
N ARG A 64 6.39 -2.36 -15.39
CA ARG A 64 5.24 -3.25 -15.59
C ARG A 64 4.07 -2.68 -14.77
N ALA A 65 3.53 -1.58 -15.27
CA ALA A 65 2.52 -0.83 -14.54
C ALA A 65 1.57 -0.17 -15.52
N LEU A 66 0.38 0.13 -15.02
CA LEU A 66 -0.61 0.91 -15.75
C LEU A 66 -0.98 2.12 -14.91
N PHE A 67 -1.17 3.26 -15.57
CA PHE A 67 -1.49 4.51 -14.90
C PHE A 67 -2.90 4.91 -15.30
N ILE A 68 -3.83 4.83 -14.36
CA ILE A 68 -5.26 4.91 -14.65
C ILE A 68 -5.86 6.08 -13.88
N ASP A 69 -6.66 6.89 -14.57
CA ASP A 69 -7.37 7.99 -13.94
C ASP A 69 -8.53 8.39 -14.84
N LEU A 70 -9.60 8.88 -14.22
CA LEU A 70 -10.76 9.38 -14.95
C LEU A 70 -10.63 10.85 -15.30
N GLU A 71 -9.48 11.46 -15.01
CA GLU A 71 -9.17 12.83 -15.41
C GLU A 71 -7.67 12.91 -15.63
N PRO A 72 -7.21 13.72 -16.59
CA PRO A 72 -5.81 13.64 -17.00
C PRO A 72 -4.85 14.53 -16.21
N LEU A 73 -5.37 15.56 -15.54
CA LEU A 73 -4.52 16.62 -15.01
C LEU A 73 -3.47 16.08 -14.04
N ALA A 74 -3.86 15.12 -13.20
CA ALA A 74 -2.92 14.59 -12.21
C ALA A 74 -1.74 13.89 -12.89
N VAL A 75 -2.02 12.98 -13.83
CA VAL A 75 -0.94 12.33 -14.55
C VAL A 75 -0.14 13.36 -15.35
N GLU A 76 -0.85 14.19 -16.13
CA GLU A 76 -0.20 15.16 -17.02
C GLU A 76 0.78 16.06 -16.26
N PHE A 77 0.30 16.71 -15.20
CA PHE A 77 1.15 17.66 -14.49
C PHE A 77 2.34 16.97 -13.82
N LEU A 78 2.18 15.72 -13.39
CA LEU A 78 3.30 15.01 -12.79
C LEU A 78 4.27 14.53 -13.87
N VAL A 79 3.76 13.96 -14.96
CA VAL A 79 4.63 13.50 -16.04
C VAL A 79 5.30 14.66 -16.78
N LYS A 80 4.85 15.89 -16.56
CA LYS A 80 5.52 17.02 -17.19
C LYS A 80 6.43 17.80 -16.24
N GLU A 81 6.10 17.86 -14.95
CA GLU A 81 6.98 18.55 -14.01
C GLU A 81 8.22 17.73 -13.69
N MET A 82 8.03 16.50 -13.20
CA MET A 82 9.18 15.61 -13.03
C MET A 82 9.70 15.13 -14.37
N LYS A 83 8.80 14.95 -15.34
CA LYS A 83 9.13 14.72 -16.73
C LYS A 83 9.86 13.40 -16.93
N LEU A 84 9.14 12.34 -16.63
CA LEU A 84 9.63 10.99 -16.92
C LEU A 84 8.85 10.45 -18.12
N GLY A 85 9.06 11.10 -19.25
CA GLY A 85 8.33 10.75 -20.45
C GLY A 85 8.65 9.36 -20.93
N SER A 86 9.93 8.99 -20.96
CA SER A 86 10.31 7.69 -21.49
C SER A 86 9.87 6.57 -20.56
N PHE A 87 10.16 6.68 -19.26
CA PHE A 87 9.81 5.61 -18.33
C PHE A 87 8.29 5.46 -18.23
N PHE A 88 7.60 6.53 -17.83
CA PHE A 88 6.15 6.50 -17.76
C PHE A 88 5.63 6.72 -19.19
N SER A 89 5.93 5.71 -20.00
CA SER A 89 5.42 5.66 -21.36
C SER A 89 3.92 5.76 -21.32
N GLU A 90 3.42 6.46 -22.33
CA GLU A 90 2.06 6.87 -22.20
C GLU A 90 1.16 5.79 -22.84
N ASP A 91 1.74 4.74 -23.49
CA ASP A 91 1.04 3.47 -23.77
C ASP A 91 0.62 2.77 -22.49
N LEU A 92 1.20 3.13 -21.35
CA LEU A 92 0.85 2.60 -20.04
C LEU A 92 -0.20 3.44 -19.32
N MET A 93 -0.77 4.43 -19.99
CA MET A 93 -1.78 5.30 -19.39
C MET A 93 -3.16 4.98 -19.97
N VAL A 94 -4.14 4.84 -19.09
CA VAL A 94 -5.54 4.67 -19.48
C VAL A 94 -6.29 5.86 -18.88
N LEU A 95 -6.55 6.87 -19.69
CA LEU A 95 -7.12 8.13 -19.22
C LEU A 95 -8.52 8.32 -19.79
N SER A 96 -9.42 8.83 -18.97
CA SER A 96 -10.66 9.45 -19.42
C SER A 96 -10.73 10.85 -18.84
N TYR A 97 -11.81 11.55 -19.15
CA TYR A 97 -11.89 12.98 -18.90
C TYR A 97 -13.17 13.37 -18.17
N SER A 98 -13.87 12.40 -17.60
CA SER A 98 -15.08 12.65 -16.81
C SER A 98 -14.75 13.17 -15.42
N GLY A 99 -13.83 12.50 -14.73
CA GLY A 99 -13.66 12.68 -13.31
C GLY A 99 -14.75 11.96 -12.53
N ALA A 100 -14.43 11.65 -11.27
CA ALA A 100 -15.40 11.03 -10.39
C ALA A 100 -16.08 12.02 -9.45
N HIS A 101 -15.55 13.25 -9.36
CA HIS A 101 -16.12 14.29 -8.51
C HIS A 101 -16.24 13.85 -7.06
N ASN A 102 -15.29 13.03 -6.60
CA ASN A 102 -15.22 12.55 -5.22
C ASN A 102 -16.40 11.65 -4.85
N VAL A 103 -16.99 11.00 -5.83
CA VAL A 103 -18.10 10.06 -5.60
C VAL A 103 -17.64 8.67 -6.00
N TRP A 104 -17.64 7.76 -5.02
CA TRP A 104 -17.23 6.38 -5.26
C TRP A 104 -18.02 5.74 -6.40
N SER A 105 -19.33 6.01 -6.46
CA SER A 105 -20.18 5.34 -7.45
C SER A 105 -19.87 5.82 -8.86
N ILE A 106 -19.57 7.10 -9.02
CA ILE A 106 -19.24 7.63 -10.35
C ILE A 106 -17.92 7.02 -10.83
N GLY A 107 -16.94 6.89 -9.94
CA GLY A 107 -15.68 6.29 -10.34
C GLY A 107 -15.81 4.81 -10.63
N TYR A 108 -16.57 4.09 -9.81
CA TYR A 108 -16.74 2.65 -10.02
C TYR A 108 -17.25 2.34 -11.40
N GLN A 109 -17.97 3.29 -11.99
CA GLN A 109 -18.76 2.95 -13.16
C GLN A 109 -18.28 3.60 -14.44
N THR A 110 -17.94 4.89 -14.41
CA THR A 110 -17.18 5.45 -15.51
C THR A 110 -15.94 4.62 -15.80
N GLY A 111 -15.43 3.92 -14.77
CA GLY A 111 -14.30 3.04 -14.96
C GLY A 111 -14.63 1.77 -15.71
N LYS A 112 -15.87 1.28 -15.60
CA LYS A 112 -16.27 0.09 -16.34
C LYS A 112 -16.10 0.24 -17.84
N LYS A 113 -15.98 1.48 -18.32
CA LYS A 113 -15.84 1.72 -19.75
C LYS A 113 -14.42 1.42 -20.21
N LEU A 114 -13.44 1.59 -19.34
CA LEU A 114 -12.03 1.35 -19.66
C LEU A 114 -11.56 -0.02 -19.23
N ILE A 115 -12.43 -0.83 -18.60
CA ILE A 115 -12.04 -2.19 -18.22
C ILE A 115 -11.58 -3.00 -19.42
N PRO A 116 -12.26 -3.02 -20.57
CA PRO A 116 -11.73 -3.76 -21.71
C PRO A 116 -10.35 -3.31 -22.15
N VAL A 117 -10.08 -2.00 -22.20
CA VAL A 117 -8.75 -1.59 -22.65
C VAL A 117 -7.69 -1.81 -21.58
N ILE A 118 -8.04 -1.68 -20.30
CA ILE A 118 -7.10 -2.00 -19.23
C ILE A 118 -6.76 -3.49 -19.27
N LEU A 119 -7.80 -4.33 -19.38
CA LEU A 119 -7.59 -5.77 -19.39
C LEU A 119 -6.73 -6.20 -20.58
N GLU A 120 -6.94 -5.59 -21.75
CA GLU A 120 -6.14 -5.99 -22.91
C GLU A 120 -4.69 -5.53 -22.74
N LYS A 121 -4.47 -4.37 -22.12
CA LYS A 121 -3.10 -3.96 -21.83
C LYS A 121 -2.45 -4.89 -20.81
N ILE A 122 -3.24 -5.42 -19.87
CA ILE A 122 -2.69 -6.34 -18.88
C ILE A 122 -2.23 -7.64 -19.55
N ARG A 123 -3.10 -8.27 -20.34
CA ARG A 123 -2.76 -9.54 -20.98
C ARG A 123 -1.60 -9.40 -21.97
N ASP A 124 -1.37 -8.21 -22.51
CA ASP A 124 -0.17 -7.97 -23.30
C ASP A 124 1.06 -7.94 -22.41
N THR A 125 1.02 -7.13 -21.36
CA THR A 125 2.18 -6.91 -20.51
C THR A 125 2.56 -8.15 -19.73
N MET A 126 1.57 -8.86 -19.21
CA MET A 126 1.85 -9.87 -18.20
C MET A 126 2.48 -11.11 -18.83
N PRO A 127 3.60 -11.59 -18.30
CA PRO A 127 4.00 -12.96 -18.58
C PRO A 127 3.15 -13.91 -17.77
N GLU A 128 2.95 -15.12 -18.29
CA GLU A 128 2.13 -16.09 -17.58
C GLU A 128 2.72 -16.47 -16.23
N THR A 129 4.01 -16.18 -16.02
CA THR A 129 4.66 -16.39 -14.73
C THR A 129 4.42 -15.24 -13.75
N LEU A 130 3.48 -14.35 -14.05
CA LEU A 130 3.18 -13.23 -13.16
C LEU A 130 2.52 -13.76 -11.89
N GLN A 131 3.02 -13.31 -10.74
CA GLN A 131 2.53 -13.81 -9.46
C GLN A 131 1.37 -13.02 -8.89
N GLY A 132 1.19 -11.76 -9.29
CA GLY A 132 0.09 -10.99 -8.76
C GLY A 132 0.14 -9.55 -9.21
N PHE A 133 -0.76 -8.75 -8.63
CA PHE A 133 -0.92 -7.35 -8.95
C PHE A 133 -0.86 -6.52 -7.68
N LEU A 134 -0.38 -5.27 -7.82
CA LEU A 134 -0.44 -4.27 -6.77
C LEU A 134 -1.32 -3.14 -7.25
N ILE A 135 -2.28 -2.73 -6.42
CA ILE A 135 -3.20 -1.66 -6.75
C ILE A 135 -2.95 -0.50 -5.77
N ILE A 136 -2.51 0.63 -6.30
CA ILE A 136 -2.18 1.81 -5.51
C ILE A 136 -3.26 2.87 -5.74
N HIS A 137 -3.92 3.28 -4.67
CA HIS A 137 -5.05 4.19 -4.80
C HIS A 137 -5.35 4.80 -3.44
N THR A 138 -6.05 5.94 -3.47
CA THR A 138 -6.59 6.55 -2.27
C THR A 138 -8.04 6.12 -2.11
N LEU A 139 -8.52 6.18 -0.86
CA LEU A 139 -9.88 5.76 -0.54
C LEU A 139 -10.84 6.92 -0.30
N GLY A 140 -10.34 8.15 -0.18
CA GLY A 140 -11.19 9.27 0.16
C GLY A 140 -11.85 9.91 -1.03
N GLY A 141 -11.16 9.91 -2.17
CA GLY A 141 -11.67 10.49 -3.39
C GLY A 141 -12.71 9.60 -4.06
N GLY A 142 -12.82 9.75 -5.37
CA GLY A 142 -13.82 9.00 -6.12
C GLY A 142 -13.25 8.01 -7.12
N THR A 143 -12.17 8.40 -7.81
CA THR A 143 -11.57 7.52 -8.81
C THR A 143 -10.79 6.40 -8.15
N GLY A 144 -9.78 6.74 -7.35
CA GLY A 144 -9.01 5.71 -6.65
C GLY A 144 -9.88 4.81 -5.79
N SER A 145 -10.95 5.35 -5.22
CA SER A 145 -11.84 4.54 -4.38
C SER A 145 -12.75 3.66 -5.22
N GLY A 146 -13.54 4.27 -6.10
CA GLY A 146 -14.49 3.52 -6.91
C GLY A 146 -13.86 2.68 -8.01
N PHE A 147 -13.06 3.32 -8.87
CA PHE A 147 -12.37 2.58 -9.93
C PHE A 147 -11.38 1.59 -9.33
N GLY A 148 -10.71 1.96 -8.24
CA GLY A 148 -9.81 1.03 -7.58
C GLY A 148 -10.53 -0.18 -7.03
N SER A 149 -11.73 0.02 -6.47
CA SER A 149 -12.55 -1.11 -6.06
C SER A 149 -12.95 -1.97 -7.24
N LEU A 150 -13.30 -1.33 -8.36
CA LEU A 150 -13.70 -2.08 -9.56
C LEU A 150 -12.54 -2.90 -10.09
N LEU A 151 -11.33 -2.33 -10.12
CA LEU A 151 -10.18 -3.06 -10.61
C LEU A 151 -9.79 -4.19 -9.66
N THR A 152 -9.94 -3.98 -8.35
CA THR A 152 -9.74 -5.06 -7.39
C THR A 152 -10.71 -6.20 -7.65
N GLU A 153 -11.99 -5.87 -7.84
CA GLU A 153 -12.97 -6.89 -8.15
C GLU A 153 -12.69 -7.52 -9.50
N THR A 154 -12.31 -6.71 -10.50
CA THR A 154 -12.10 -7.22 -11.85
C THR A 154 -10.93 -8.20 -11.90
N LEU A 155 -9.82 -7.85 -11.26
CA LEU A 155 -8.61 -8.67 -11.39
C LEU A 155 -8.76 -10.00 -10.65
N LYS A 156 -9.42 -9.99 -9.49
CA LYS A 156 -9.56 -11.22 -8.71
C LYS A 156 -10.39 -12.26 -9.45
N LYS A 157 -11.31 -11.82 -10.30
CA LYS A 157 -12.11 -12.76 -11.09
C LYS A 157 -11.50 -13.04 -12.46
N GLU A 158 -10.84 -12.05 -13.05
CA GLU A 158 -10.17 -12.27 -14.32
C GLU A 158 -8.97 -13.21 -14.15
N PHE A 159 -8.28 -13.11 -13.02
CA PHE A 159 -7.10 -13.94 -12.74
C PHE A 159 -7.21 -14.53 -11.35
N PRO A 160 -8.08 -15.52 -11.15
CA PRO A 160 -8.07 -16.25 -9.88
C PRO A 160 -6.78 -17.04 -9.73
N GLY A 161 -6.41 -17.30 -8.49
CA GLY A 161 -5.14 -17.93 -8.20
C GLY A 161 -3.95 -16.99 -8.23
N LYS A 162 -4.11 -15.79 -8.76
CA LYS A 162 -3.08 -14.76 -8.70
C LYS A 162 -3.40 -13.78 -7.58
N GLY A 163 -2.35 -13.22 -6.98
CA GLY A 163 -2.53 -12.34 -5.83
C GLY A 163 -2.96 -10.94 -6.24
N VAL A 164 -3.85 -10.37 -5.43
CA VAL A 164 -4.31 -8.99 -5.60
C VAL A 164 -4.05 -8.28 -4.28
N LEU A 165 -3.02 -7.43 -4.26
CA LEU A 165 -2.64 -6.68 -3.06
C LEU A 165 -2.98 -5.22 -3.26
N ASN A 166 -3.49 -4.59 -2.20
CA ASN A 166 -3.93 -3.22 -2.24
C ASN A 166 -3.07 -2.37 -1.31
N PHE A 167 -2.63 -1.22 -1.79
CA PHE A 167 -1.95 -0.21 -0.99
C PHE A 167 -2.84 1.03 -1.05
N SER A 168 -3.65 1.23 -0.02
CA SER A 168 -4.73 2.20 -0.06
C SER A 168 -4.52 3.25 1.01
N VAL A 169 -4.75 4.51 0.64
CA VAL A 169 -4.49 5.65 1.50
C VAL A 169 -5.79 6.12 2.14
N LEU A 170 -5.85 6.10 3.45
CA LEU A 170 -6.96 6.70 4.19
C LEU A 170 -6.76 8.21 4.30
N PRO A 171 -7.84 8.97 4.44
CA PRO A 171 -7.71 10.42 4.62
C PRO A 171 -7.11 10.76 5.98
N SER A 172 -6.75 12.02 6.14
CA SER A 172 -6.33 12.51 7.45
C SER A 172 -7.48 12.38 8.44
N GLU A 173 -7.13 12.37 9.73
CA GLU A 173 -8.14 12.15 10.77
C GLU A 173 -9.26 13.18 10.66
N VAL A 174 -8.90 14.46 10.55
CA VAL A 174 -9.83 15.47 10.07
C VAL A 174 -9.82 15.37 8.54
N ASN A 175 -10.89 14.80 7.98
CA ASN A 175 -10.92 14.50 6.55
C ASN A 175 -10.82 15.77 5.72
N ASP A 176 -9.96 15.72 4.70
CA ASP A 176 -9.85 16.78 3.71
C ASP A 176 -10.80 16.58 2.54
N VAL A 177 -11.68 15.56 2.63
CA VAL A 177 -12.80 15.36 1.71
C VAL A 177 -14.00 14.99 2.56
N THR A 178 -15.09 15.76 2.46
CA THR A 178 -16.24 15.47 3.31
C THR A 178 -16.95 14.20 2.89
N LEU A 179 -16.87 13.82 1.62
CA LEU A 179 -17.44 12.58 1.13
C LEU A 179 -16.56 11.37 1.42
N ALA A 180 -15.42 11.56 2.07
CA ALA A 180 -14.50 10.46 2.31
C ALA A 180 -15.08 9.32 3.15
N PRO A 181 -15.89 9.56 4.20
CA PRO A 181 -16.45 8.41 4.94
C PRO A 181 -17.26 7.47 4.07
N TYR A 182 -18.11 8.00 3.18
CA TYR A 182 -18.84 7.16 2.24
C TYR A 182 -17.88 6.40 1.34
N ASN A 183 -16.93 7.13 0.73
CA ASN A 183 -16.02 6.50 -0.22
C ASN A 183 -15.13 5.47 0.47
N THR A 184 -14.70 5.75 1.71
CA THR A 184 -13.83 4.82 2.41
C THR A 184 -14.57 3.55 2.80
N VAL A 185 -15.81 3.67 3.27
CA VAL A 185 -16.57 2.50 3.67
C VAL A 185 -16.89 1.64 2.44
N LEU A 186 -17.27 2.27 1.33
CA LEU A 186 -17.59 1.52 0.13
C LEU A 186 -16.36 0.77 -0.40
N SER A 187 -15.19 1.40 -0.35
CA SER A 187 -13.98 0.77 -0.86
C SER A 187 -13.51 -0.36 0.06
N LEU A 188 -13.51 -0.12 1.37
CA LEU A 188 -13.05 -1.16 2.28
C LEU A 188 -13.98 -2.36 2.26
N ASN A 189 -15.26 -2.14 1.95
CA ASN A 189 -16.18 -3.26 1.79
C ASN A 189 -15.82 -4.09 0.56
N HIS A 190 -15.56 -3.42 -0.57
CA HIS A 190 -15.17 -4.12 -1.79
C HIS A 190 -13.85 -4.85 -1.59
N LEU A 191 -12.89 -4.20 -0.92
CA LEU A 191 -11.56 -4.79 -0.77
C LEU A 191 -11.60 -5.98 0.20
N SER A 192 -12.40 -5.89 1.26
CA SER A 192 -12.53 -7.02 2.17
C SER A 192 -12.94 -8.28 1.44
N ARG A 193 -13.67 -8.14 0.34
CA ARG A 193 -14.06 -9.31 -0.45
C ARG A 193 -12.96 -9.72 -1.41
N PHE A 194 -12.59 -8.84 -2.33
CA PHE A 194 -11.81 -9.23 -3.50
C PHE A 194 -10.30 -9.10 -3.30
N SER A 195 -9.84 -8.39 -2.27
CA SER A 195 -8.41 -8.24 -2.04
C SER A 195 -7.87 -9.41 -1.25
N ASP A 196 -6.60 -9.73 -1.50
CA ASP A 196 -5.90 -10.73 -0.69
C ASP A 196 -5.21 -10.10 0.52
N LEU A 197 -4.83 -8.82 0.42
CA LEU A 197 -4.14 -8.14 1.51
C LEU A 197 -4.23 -6.64 1.26
N VAL A 198 -4.62 -5.88 2.29
CA VAL A 198 -4.78 -4.44 2.19
C VAL A 198 -3.80 -3.79 3.17
N VAL A 199 -2.78 -3.14 2.63
CA VAL A 199 -1.83 -2.37 3.44
C VAL A 199 -2.30 -0.93 3.45
N LEU A 200 -2.65 -0.42 4.63
CA LEU A 200 -3.34 0.86 4.76
C LEU A 200 -2.37 1.97 5.16
N PHE A 201 -2.60 3.16 4.63
CA PHE A 201 -1.90 4.36 5.04
C PHE A 201 -2.94 5.46 5.26
N ASP A 202 -2.66 6.37 6.19
CA ASP A 202 -3.46 7.58 6.28
C ASP A 202 -2.52 8.79 6.37
N ASN A 203 -2.98 9.89 5.78
CA ASN A 203 -2.12 11.05 5.66
C ASN A 203 -1.79 11.68 7.00
N THR A 204 -2.68 11.55 7.98
CA THR A 204 -2.40 12.11 9.31
C THR A 204 -1.13 11.52 9.89
N ALA A 205 -1.00 10.19 9.88
CA ALA A 205 0.24 9.60 10.36
C ALA A 205 1.42 9.99 9.47
N LEU A 206 1.19 10.06 8.16
CA LEU A 206 2.28 10.38 7.23
C LEU A 206 2.72 11.83 7.38
N ILE A 207 1.77 12.77 7.53
CA ILE A 207 2.13 14.16 7.73
C ILE A 207 2.98 14.32 8.97
N ARG A 208 2.61 13.62 10.05
CA ARG A 208 3.32 13.77 11.31
C ARG A 208 4.70 13.15 11.25
N ILE A 209 4.86 12.01 10.55
CA ILE A 209 6.18 11.44 10.35
C ILE A 209 7.07 12.41 9.58
N VAL A 210 6.53 13.02 8.53
CA VAL A 210 7.31 13.93 7.70
C VAL A 210 7.68 15.19 8.48
N LYS A 211 6.76 15.69 9.32
CA LYS A 211 7.02 16.92 10.06
C LYS A 211 8.03 16.69 11.19
N ASP A 212 7.90 15.59 11.92
CA ASP A 212 8.68 15.36 13.14
C ASP A 212 9.83 14.39 12.95
N GLN A 213 9.59 13.23 12.35
CA GLN A 213 10.61 12.20 12.30
C GLN A 213 11.66 12.48 11.24
N LEU A 214 11.26 13.05 10.11
CA LEU A 214 12.22 13.52 9.11
C LEU A 214 12.57 14.98 9.27
N ASN A 215 11.66 15.78 9.84
CA ASN A 215 11.88 17.21 10.08
C ASN A 215 12.40 17.90 8.83
N TYR A 216 11.86 17.49 7.67
CA TYR A 216 12.32 18.05 6.42
C TYR A 216 11.89 19.51 6.31
N PRO A 217 12.68 20.34 5.60
CA PRO A 217 12.46 21.79 5.61
C PRO A 217 11.00 22.20 5.43
N VAL A 218 10.42 21.91 4.26
CA VAL A 218 8.98 22.06 4.09
C VAL A 218 8.59 21.37 2.79
N ILE A 219 7.29 21.12 2.63
CA ILE A 219 6.77 20.27 1.58
C ILE A 219 5.61 21.00 0.91
N LYS A 220 5.60 21.00 -0.42
CA LYS A 220 4.49 21.49 -1.20
C LYS A 220 3.98 20.47 -2.21
N GLN A 221 4.50 19.26 -2.22
CA GLN A 221 3.97 18.17 -3.00
C GLN A 221 3.85 16.96 -2.09
N PHE A 222 2.86 16.11 -2.35
CA PHE A 222 2.71 14.89 -1.57
C PHE A 222 3.93 13.98 -1.70
N SER A 223 4.91 14.42 -2.52
CA SER A 223 6.11 13.65 -2.85
C SER A 223 6.70 12.90 -1.66
N ASP A 224 6.98 13.60 -0.58
CA ASP A 224 7.76 13.03 0.50
C ASP A 224 6.93 12.21 1.48
N LEU A 225 5.62 12.46 1.55
CA LEU A 225 4.74 11.49 2.18
C LEU A 225 4.63 10.24 1.32
N ASN A 226 4.55 10.41 0.00
CA ASN A 226 4.49 9.28 -0.92
C ASN A 226 5.80 8.51 -0.97
N PHE A 227 6.91 9.14 -0.57
CA PHE A 227 8.19 8.43 -0.54
C PHE A 227 8.16 7.29 0.47
N LEU A 228 7.55 7.53 1.64
CA LEU A 228 7.46 6.49 2.65
C LEU A 228 6.58 5.34 2.18
N ILE A 229 5.47 5.66 1.51
CA ILE A 229 4.63 4.62 0.93
C ILE A 229 5.41 3.81 -0.09
N GLY A 230 6.23 4.49 -0.89
CA GLY A 230 7.07 3.79 -1.85
C GLY A 230 8.16 2.97 -1.19
N ARG A 231 8.68 3.44 -0.05
CA ARG A 231 9.66 2.66 0.69
C ARG A 231 9.08 1.34 1.17
N VAL A 232 7.83 1.36 1.64
CA VAL A 232 7.20 0.14 2.14
C VAL A 232 6.99 -0.85 1.00
N MET A 233 6.48 -0.36 -0.13
CA MET A 233 6.21 -1.23 -1.26
C MET A 233 7.48 -1.86 -1.80
N ALA A 234 8.56 -1.08 -1.87
CA ALA A 234 9.79 -1.60 -2.45
C ALA A 234 10.47 -2.59 -1.51
N SER A 235 10.49 -2.28 -0.21
CA SER A 235 11.24 -3.12 0.73
C SER A 235 10.59 -4.47 0.92
N ILE A 236 9.25 -4.53 0.94
CA ILE A 236 8.58 -5.82 1.12
C ILE A 236 8.72 -6.69 -0.12
N THR A 237 9.13 -6.10 -1.25
CA THR A 237 9.40 -6.87 -2.47
C THR A 237 10.89 -7.02 -2.73
N ALA A 238 11.74 -6.62 -1.79
CA ALA A 238 13.18 -6.62 -2.04
C ALA A 238 13.72 -8.04 -2.20
N SER A 239 13.25 -8.98 -1.39
CA SER A 239 13.74 -10.35 -1.46
C SER A 239 13.34 -11.07 -2.75
N LEU A 240 12.42 -10.49 -3.52
CA LEU A 240 12.13 -11.00 -4.86
C LEU A 240 13.11 -10.47 -5.89
N ARG A 241 13.74 -9.32 -5.64
CA ARG A 241 14.56 -8.64 -6.62
C ARG A 241 16.05 -8.68 -6.31
N PHE A 242 16.45 -9.22 -5.16
CA PHE A 242 17.85 -9.21 -4.75
C PHE A 242 18.11 -10.47 -3.93
N PRO A 243 19.37 -10.91 -3.85
CA PRO A 243 19.67 -12.13 -3.09
C PRO A 243 19.39 -11.94 -1.61
N GLY A 244 19.07 -13.05 -0.97
CA GLY A 244 18.75 -13.04 0.44
C GLY A 244 18.67 -14.44 1.00
N PRO A 245 19.03 -14.59 2.27
CA PRO A 245 18.96 -15.91 2.91
C PRO A 245 17.53 -16.39 3.15
N LEU A 246 16.54 -15.52 3.04
CA LEU A 246 15.17 -15.88 3.42
C LEU A 246 14.22 -14.95 2.63
N ASN A 247 13.82 -15.41 1.44
CA ASN A 247 12.95 -14.62 0.58
C ASN A 247 11.50 -15.04 0.73
N MET A 248 10.61 -14.15 0.30
CA MET A 248 9.17 -14.38 0.39
C MET A 248 8.48 -13.61 -0.72
N ASP A 249 7.40 -14.17 -1.24
CA ASP A 249 6.64 -13.52 -2.31
C ASP A 249 5.35 -12.92 -1.74
N LEU A 250 4.48 -12.45 -2.64
CA LEU A 250 3.30 -11.71 -2.21
C LEU A 250 2.34 -12.59 -1.42
N MET A 251 2.03 -13.78 -1.95
CA MET A 251 1.07 -14.65 -1.26
C MET A 251 1.65 -15.27 0.00
N GLU A 252 2.97 -15.47 0.05
CA GLU A 252 3.60 -15.98 1.24
C GLU A 252 3.42 -15.01 2.41
N MET A 253 3.52 -13.71 2.14
CA MET A 253 3.32 -12.72 3.19
C MET A 253 1.85 -12.62 3.58
N ALA A 254 0.95 -12.76 2.60
CA ALA A 254 -0.49 -12.70 2.91
C ALA A 254 -0.93 -13.91 3.72
N HIS A 255 -0.41 -15.10 3.39
CA HIS A 255 -0.76 -16.30 4.13
C HIS A 255 -0.33 -16.19 5.59
N ASN A 256 0.82 -15.55 5.84
CA ASN A 256 1.34 -15.43 7.19
C ASN A 256 0.63 -14.36 8.00
N LEU A 257 -0.08 -13.42 7.35
CA LEU A 257 -0.74 -12.32 8.03
C LEU A 257 -2.23 -12.54 8.23
N VAL A 258 -2.91 -13.11 7.24
CA VAL A 258 -4.37 -13.22 7.28
C VAL A 258 -4.77 -14.42 8.12
N ALA A 259 -4.96 -14.21 9.42
CA ALA A 259 -5.31 -15.31 10.32
C ALA A 259 -6.74 -15.80 10.05
N LEU A 260 -7.70 -14.88 10.02
CA LEU A 260 -9.05 -15.15 9.60
C LEU A 260 -9.30 -14.46 8.25
N PRO A 261 -10.19 -15.02 7.41
CA PRO A 261 -10.36 -14.50 6.04
C PRO A 261 -10.63 -13.00 5.96
N GLU A 262 -11.18 -12.41 7.02
CA GLU A 262 -11.51 -11.00 7.02
C GLU A 262 -10.42 -10.12 7.62
N THR A 263 -9.42 -10.70 8.28
CA THR A 263 -8.34 -9.92 8.88
C THR A 263 -7.19 -9.76 7.88
N LYS A 264 -7.44 -8.91 6.87
CA LYS A 264 -6.49 -8.66 5.80
C LYS A 264 -6.09 -7.19 5.71
N PHE A 265 -6.33 -6.42 6.76
CA PHE A 265 -6.05 -4.98 6.78
C PHE A 265 -4.82 -4.74 7.64
N ILE A 266 -3.76 -4.23 7.02
CA ILE A 266 -2.42 -4.22 7.61
C ILE A 266 -1.95 -2.79 7.80
N ILE A 267 -1.21 -2.57 8.88
CA ILE A 267 -0.57 -1.30 9.19
C ILE A 267 0.92 -1.44 8.95
N PRO A 268 1.54 -0.59 8.14
CA PRO A 268 2.97 -0.72 7.89
C PRO A 268 3.80 0.27 8.71
N SER A 269 5.11 0.02 8.80
CA SER A 269 6.04 0.95 9.41
C SER A 269 7.45 0.56 9.00
N VAL A 270 8.31 1.55 8.90
CA VAL A 270 9.69 1.33 8.47
C VAL A 270 10.62 2.13 9.37
N ALA A 271 11.82 1.60 9.60
CA ALA A 271 12.87 2.26 10.35
C ALA A 271 14.21 1.86 9.73
N PRO A 272 15.17 2.79 9.65
CA PRO A 272 15.04 4.19 10.07
C PRO A 272 14.48 5.06 8.97
N LEU A 273 13.88 6.19 9.33
CA LEU A 273 13.39 7.10 8.32
C LEU A 273 14.44 8.11 7.87
N THR A 274 15.48 8.35 8.68
CA THR A 274 16.58 9.20 8.27
C THR A 274 17.89 8.41 8.29
N LYS A 275 18.69 8.62 7.24
CA LYS A 275 20.04 8.03 7.13
C LYS A 275 20.85 8.28 8.37
N GLU A 276 20.63 9.41 9.01
CA GLU A 276 21.45 9.81 10.15
C GLU A 276 21.27 8.86 11.33
N GLU A 277 20.12 8.19 11.40
CA GLU A 277 19.85 7.20 12.44
C GLU A 277 20.07 5.77 11.97
N SER A 278 20.28 5.55 10.68
CA SER A 278 20.71 4.22 10.25
C SER A 278 22.05 3.86 10.88
N GLU A 279 22.91 4.86 11.08
CA GLU A 279 24.18 4.63 11.78
C GLU A 279 23.96 4.38 13.26
N MET A 280 22.91 4.96 13.84
CA MET A 280 22.75 5.04 15.29
C MET A 280 21.85 3.95 15.85
N SER A 281 21.51 2.93 15.08
CA SER A 281 20.54 1.93 15.51
C SER A 281 21.05 0.51 15.28
N THR A 282 20.64 -0.38 16.17
CA THR A 282 20.88 -1.81 16.04
C THR A 282 19.65 -2.49 15.43
N GLU A 283 19.70 -3.81 15.35
CA GLU A 283 18.57 -4.55 14.79
C GLU A 283 17.33 -4.41 15.66
N LEU A 284 17.49 -4.58 16.98
CA LEU A 284 16.35 -4.52 17.88
C LEU A 284 15.78 -3.11 17.99
N ASP A 285 16.63 -2.09 17.93
CA ASP A 285 16.14 -0.72 18.01
C ASP A 285 15.27 -0.38 16.81
N LEU A 286 15.68 -0.79 15.61
CA LEU A 286 14.83 -0.61 14.45
C LEU A 286 13.53 -1.38 14.58
N VAL A 287 13.58 -2.56 15.22
CA VAL A 287 12.38 -3.36 15.40
C VAL A 287 11.45 -2.69 16.40
N GLU A 288 12.00 -2.21 17.52
CA GLU A 288 11.16 -1.57 18.54
C GLU A 288 10.50 -0.31 18.01
N ARG A 289 11.25 0.49 17.24
CA ARG A 289 10.70 1.74 16.73
C ARG A 289 9.62 1.50 15.67
N CYS A 290 9.76 0.43 14.88
CA CYS A 290 8.70 0.06 13.95
C CYS A 290 7.43 -0.31 14.68
N PHE A 291 7.55 -0.94 15.86
CA PHE A 291 6.42 -1.27 16.71
C PHE A 291 6.00 -0.11 17.61
N ASP A 292 6.17 1.13 17.13
CA ASP A 292 5.83 2.31 17.90
C ASP A 292 4.88 3.20 17.10
N PRO A 293 3.94 3.87 17.77
CA PRO A 293 3.00 4.75 17.04
C PRO A 293 3.68 5.85 16.27
N THR A 294 4.86 6.31 16.71
CA THR A 294 5.56 7.37 15.99
C THR A 294 6.06 6.91 14.63
N HIS A 295 6.11 5.60 14.37
CA HIS A 295 6.49 5.08 13.07
C HIS A 295 5.33 4.43 12.32
N TYR A 296 4.22 4.12 12.99
CA TYR A 296 3.04 3.60 12.31
C TYR A 296 2.57 4.60 11.27
N MET A 297 2.37 4.12 10.04
CA MET A 297 1.85 4.95 8.97
C MET A 297 0.33 5.01 8.97
N VAL A 298 -0.28 4.61 10.09
CA VAL A 298 -1.70 4.80 10.36
C VAL A 298 -1.81 5.37 11.76
N ASN A 299 -2.71 6.33 11.95
CA ASN A 299 -2.86 7.01 13.24
C ASN A 299 -3.37 6.02 14.29
N CYS A 300 -2.51 5.64 15.22
CA CYS A 300 -2.83 4.64 16.23
C CYS A 300 -2.61 5.20 17.62
N SER A 301 -3.30 4.58 18.59
CA SER A 301 -3.10 4.96 19.99
C SER A 301 -1.75 4.45 20.49
N GLY A 302 -1.57 3.14 20.52
CA GLY A 302 -0.32 2.55 20.93
C GLY A 302 0.11 1.43 20.01
N GLN A 303 0.91 0.49 20.52
CA GLN A 303 1.30 -0.65 19.72
C GLN A 303 0.10 -1.50 19.32
N GLY A 304 -0.97 -1.46 20.11
CA GLY A 304 -2.09 -2.34 19.88
C GLY A 304 -1.71 -3.78 20.20
N LYS A 305 -2.60 -4.68 19.79
CA LYS A 305 -2.39 -6.12 19.96
C LYS A 305 -2.12 -6.72 18.58
N THR A 306 -0.91 -7.22 18.38
CA THR A 306 -0.51 -7.75 17.08
C THR A 306 -1.03 -9.17 16.92
N ILE A 307 -1.82 -9.39 15.88
CA ILE A 307 -2.22 -10.75 15.51
C ILE A 307 -1.08 -11.46 14.82
N SER A 308 -0.51 -10.82 13.79
CA SER A 308 0.52 -11.40 12.95
C SER A 308 1.36 -10.25 12.41
N SER A 309 2.62 -10.55 12.11
CA SER A 309 3.51 -9.51 11.60
C SER A 309 4.54 -10.12 10.66
N VAL A 310 4.98 -9.30 9.71
CA VAL A 310 6.03 -9.64 8.76
C VAL A 310 7.14 -8.62 8.90
N LEU A 311 8.38 -9.08 9.05
CA LEU A 311 9.53 -8.21 9.25
C LEU A 311 10.53 -8.48 8.12
N MET A 312 10.75 -7.48 7.28
CA MET A 312 11.74 -7.56 6.21
C MET A 312 13.02 -6.87 6.65
N PHE A 313 14.10 -7.63 6.71
CA PHE A 313 15.40 -7.10 7.12
C PHE A 313 16.25 -6.86 5.88
N ARG A 314 16.79 -5.63 5.77
CA ARG A 314 17.57 -5.23 4.61
C ARG A 314 18.89 -4.60 5.05
N GLY A 315 19.97 -4.95 4.35
CA GLY A 315 21.23 -4.26 4.52
C GLY A 315 22.06 -4.86 5.63
N ASN A 316 22.58 -4.00 6.51
CA ASN A 316 23.50 -4.40 7.59
C ASN A 316 22.68 -5.02 8.72
N ILE A 317 22.36 -6.31 8.56
CA ILE A 317 21.44 -7.02 9.44
C ILE A 317 22.12 -8.31 9.91
N ALA A 318 22.58 -8.32 11.15
CA ALA A 318 23.11 -9.54 11.75
C ALA A 318 22.01 -10.58 11.91
N ILE A 319 22.04 -11.63 11.09
CA ILE A 319 21.05 -12.71 11.21
C ILE A 319 21.12 -13.34 12.59
N GLU A 320 22.34 -13.46 13.12
CA GLU A 320 22.51 -13.83 14.51
C GLU A 320 21.60 -12.99 15.39
N ASN A 321 21.68 -11.67 15.24
CA ASN A 321 20.91 -10.76 16.08
C ASN A 321 19.45 -10.75 15.67
N ALA A 322 19.16 -10.89 14.37
CA ALA A 322 17.77 -10.89 13.91
C ALA A 322 16.98 -12.02 14.55
N PHE A 323 17.60 -13.20 14.67
CA PHE A 323 16.99 -14.29 15.41
C PHE A 323 17.25 -14.19 16.92
N SER A 324 18.31 -13.49 17.32
CA SER A 324 18.58 -13.29 18.74
C SER A 324 17.49 -12.50 19.44
N ILE A 325 16.89 -11.52 18.74
CA ILE A 325 15.98 -10.58 19.37
C ILE A 325 14.52 -11.01 19.27
N MET A 326 14.24 -12.18 18.71
CA MET A 326 12.86 -12.64 18.60
C MET A 326 12.20 -12.75 19.97
N THR A 327 12.97 -13.16 20.97
CA THR A 327 12.44 -13.16 22.34
C THR A 327 12.19 -11.74 22.81
N ASP A 328 13.10 -10.81 22.50
CA ASP A 328 12.90 -9.41 22.88
C ASP A 328 11.76 -8.76 22.10
N ILE A 329 11.44 -9.29 20.93
CA ILE A 329 10.30 -8.76 20.17
C ILE A 329 9.00 -9.12 20.88
N LYS A 330 8.78 -10.41 21.11
CA LYS A 330 7.61 -10.82 21.88
C LYS A 330 7.65 -10.29 23.30
N SER A 331 8.83 -9.96 23.81
CA SER A 331 8.98 -9.41 25.15
C SER A 331 8.46 -7.98 25.24
N ASN A 332 8.62 -7.20 24.17
CA ASN A 332 8.28 -5.78 24.19
C ASN A 332 7.02 -5.44 23.43
N VAL A 333 6.56 -6.30 22.53
CA VAL A 333 5.39 -6.05 21.72
C VAL A 333 4.23 -6.87 22.27
N ALA A 334 3.12 -6.19 22.57
CA ALA A 334 1.93 -6.88 23.05
C ALA A 334 1.21 -7.53 21.87
N PHE A 335 0.94 -8.82 21.99
CA PHE A 335 0.22 -9.57 20.98
C PHE A 335 -1.18 -9.89 21.47
N ALA A 336 -2.06 -10.24 20.53
CA ALA A 336 -3.44 -10.53 20.87
C ALA A 336 -3.50 -11.67 21.89
N PRO A 337 -4.52 -11.68 22.77
CA PRO A 337 -4.57 -12.70 23.82
C PRO A 337 -4.62 -14.12 23.29
N GLY A 338 -4.92 -14.34 22.01
CA GLY A 338 -4.96 -15.66 21.44
C GLY A 338 -3.74 -16.06 20.64
N VAL A 339 -2.73 -15.21 20.55
CA VAL A 339 -1.53 -15.50 19.78
C VAL A 339 -0.56 -16.27 20.64
N HIS A 340 -0.01 -17.35 20.10
CA HIS A 340 0.95 -18.16 20.83
C HIS A 340 2.24 -17.37 21.07
N PRO A 341 2.90 -17.55 22.21
CA PRO A 341 4.14 -16.82 22.47
C PRO A 341 5.25 -17.08 21.46
N ASP A 342 5.24 -18.23 20.78
CA ASP A 342 6.26 -18.57 19.80
C ASP A 342 5.86 -18.20 18.38
N LEU A 343 4.64 -17.72 18.17
CA LEU A 343 4.13 -17.41 16.84
C LEU A 343 3.86 -15.91 16.71
N GLY A 344 3.37 -15.52 15.54
CA GLY A 344 3.08 -14.13 15.26
C GLY A 344 4.13 -13.41 14.45
N LEU A 345 5.23 -14.06 14.10
CA LEU A 345 6.33 -13.46 13.37
C LEU A 345 6.57 -14.20 12.06
N LYS A 346 6.82 -13.44 11.00
CA LYS A 346 7.19 -13.99 9.70
C LYS A 346 8.40 -13.21 9.20
N TYR A 347 9.53 -13.89 9.05
CA TYR A 347 10.80 -13.24 8.75
C TYR A 347 11.09 -13.23 7.25
N GLY A 348 11.74 -12.17 6.81
CA GLY A 348 12.29 -12.08 5.47
C GLY A 348 13.59 -11.31 5.51
N ILE A 349 14.64 -11.85 4.87
CA ILE A 349 15.97 -11.25 4.94
C ILE A 349 16.47 -11.05 3.51
N CYS A 350 16.73 -9.80 3.15
CA CYS A 350 17.32 -9.47 1.86
C CYS A 350 18.62 -8.71 2.09
N GLU A 351 19.67 -9.10 1.37
CA GLU A 351 20.99 -8.54 1.61
C GLU A 351 21.15 -7.14 1.03
N SER A 352 20.24 -6.72 0.15
CA SER A 352 20.40 -5.42 -0.50
C SER A 352 19.82 -4.32 0.38
N ALA A 353 20.64 -3.32 0.65
CA ALA A 353 20.25 -2.20 1.50
C ALA A 353 19.31 -1.27 0.74
N PRO A 354 18.46 -0.52 1.46
CA PRO A 354 17.59 0.45 0.81
C PRO A 354 18.39 1.53 0.11
N VAL A 355 17.67 2.38 -0.62
CA VAL A 355 18.33 3.45 -1.36
C VAL A 355 19.07 4.38 -0.41
N ASP A 356 18.46 4.67 0.74
CA ASP A 356 18.91 5.80 1.55
C ASP A 356 19.24 5.43 3.00
N PHE A 357 19.56 4.18 3.33
CA PHE A 357 19.81 3.87 4.73
C PHE A 357 20.77 2.70 4.82
N ASP A 358 21.55 2.64 5.91
CA ASP A 358 22.52 1.54 5.99
C ASP A 358 21.85 0.23 6.35
N LYS A 359 20.88 0.27 7.26
CA LYS A 359 20.04 -0.89 7.46
C LYS A 359 18.59 -0.46 7.38
N GLU A 360 17.69 -1.43 7.31
CA GLU A 360 16.27 -1.11 7.29
C GLU A 360 15.48 -2.30 7.80
N VAL A 361 14.46 -2.01 8.58
CA VAL A 361 13.48 -2.98 9.03
C VAL A 361 12.11 -2.46 8.63
N THR A 362 11.40 -3.23 7.82
CA THR A 362 10.04 -2.90 7.40
C THR A 362 9.09 -3.84 8.11
N LEU A 363 8.02 -3.28 8.67
CA LEU A 363 7.07 -4.04 9.47
C LEU A 363 5.69 -3.96 8.83
N LEU A 364 5.12 -5.12 8.53
CA LEU A 364 3.70 -5.24 8.20
C LEU A 364 3.03 -5.88 9.41
N SER A 365 2.12 -5.15 10.04
CA SER A 365 1.48 -5.62 11.28
C SER A 365 -0.02 -5.78 11.05
N ASN A 366 -0.51 -6.99 11.31
CA ASN A 366 -1.96 -7.23 11.41
C ASN A 366 -2.34 -6.96 12.86
N ASN A 367 -2.79 -5.75 13.13
CA ASN A 367 -3.00 -5.26 14.49
C ASN A 367 -4.47 -5.00 14.73
N THR A 368 -4.93 -5.32 15.95
CA THR A 368 -6.33 -5.09 16.31
C THR A 368 -6.64 -3.60 16.45
N ILE A 369 -5.62 -2.75 16.56
CA ILE A 369 -5.85 -1.31 16.66
C ILE A 369 -6.52 -0.76 15.41
N ILE A 370 -6.44 -1.48 14.29
CA ILE A 370 -7.13 -1.07 13.07
C ILE A 370 -8.64 -1.02 13.29
N SER A 371 -9.16 -1.75 14.28
CA SER A 371 -10.58 -1.68 14.59
C SER A 371 -10.97 -0.29 15.10
N GLU A 372 -10.07 0.36 15.87
CA GLU A 372 -10.36 1.71 16.35
C GLU A 372 -10.26 2.72 15.22
N VAL A 373 -9.29 2.57 14.33
CA VAL A 373 -9.22 3.42 13.15
C VAL A 373 -10.47 3.25 12.31
N PHE A 374 -10.90 2.00 12.10
CA PHE A 374 -12.12 1.76 11.33
C PHE A 374 -13.35 2.28 12.07
N ASN A 375 -13.35 2.21 13.40
CA ASN A 375 -14.50 2.69 14.17
C ASN A 375 -14.68 4.20 14.01
N ARG A 376 -13.59 4.95 13.90
CA ARG A 376 -13.70 6.39 13.70
C ARG A 376 -14.19 6.72 12.30
N VAL A 377 -13.87 5.88 11.31
CA VAL A 377 -14.43 6.05 9.97
C VAL A 377 -15.91 5.74 9.98
N LEU A 378 -16.31 4.70 10.71
CA LEU A 378 -17.72 4.33 10.79
C LEU A 378 -18.54 5.44 11.45
N GLU A 379 -17.98 6.06 12.49
CA GLU A 379 -18.69 7.12 13.20
C GLU A 379 -18.90 8.34 12.32
N ARG A 380 -17.90 8.68 11.50
CA ARG A 380 -18.08 9.75 10.51
C ARG A 380 -19.14 9.36 9.48
N PHE A 381 -19.10 8.11 9.02
CA PHE A 381 -20.10 7.62 8.08
C PHE A 381 -21.51 7.83 8.63
N ASP A 382 -21.73 7.48 9.90
CA ASP A 382 -23.06 7.53 10.48
C ASP A 382 -23.55 8.96 10.68
N SER A 383 -22.64 9.90 11.00
CA SER A 383 -23.06 11.27 11.19
C SER A 383 -23.60 11.89 9.90
N LEU A 384 -23.15 11.40 8.74
CA LEU A 384 -23.70 11.83 7.47
C LEU A 384 -24.88 10.98 7.03
N PHE A 385 -24.78 9.66 7.20
CA PHE A 385 -25.82 8.75 6.72
C PHE A 385 -27.10 8.90 7.51
N ASN A 386 -27.00 9.14 8.82
CA ASN A 386 -28.20 9.28 9.64
C ASN A 386 -28.93 10.59 9.38
N ARG A 387 -28.26 11.57 8.79
CA ARG A 387 -28.88 12.85 8.44
C ARG A 387 -29.15 12.99 6.95
N ASP A 388 -28.88 11.95 6.16
CA ASP A 388 -29.04 12.00 4.70
C ASP A 388 -28.25 13.14 4.09
N TRP A 389 -27.08 13.43 4.67
CA TRP A 389 -26.21 14.46 4.13
C TRP A 389 -25.33 13.87 3.02
N TYR A 390 -25.32 14.53 1.87
CA TYR A 390 -24.52 14.17 0.70
C TYR A 390 -24.91 12.83 0.10
N THR A 391 -25.99 12.21 0.56
CA THR A 391 -26.38 10.92 0.01
C THR A 391 -27.03 11.03 -1.36
N SER A 392 -27.52 12.22 -1.73
CA SER A 392 -28.33 12.35 -2.95
C SER A 392 -27.52 11.95 -4.19
N ASP A 393 -26.29 12.42 -4.30
CA ASP A 393 -25.49 12.11 -5.48
C ASP A 393 -24.83 10.74 -5.41
N TYR A 394 -24.87 10.07 -4.25
CA TYR A 394 -24.63 8.64 -4.24
C TYR A 394 -25.86 7.88 -4.69
N VAL A 395 -27.04 8.36 -4.29
CA VAL A 395 -28.30 7.77 -4.73
C VAL A 395 -28.50 8.00 -6.21
N ASN A 396 -28.23 9.21 -6.68
CA ASN A 396 -28.38 9.55 -8.09
C ASN A 396 -27.20 9.11 -8.94
N ALA A 397 -26.18 8.49 -8.34
CA ALA A 397 -25.16 7.77 -9.09
C ALA A 397 -25.36 6.26 -8.99
N GLY A 398 -26.47 5.80 -8.42
CA GLY A 398 -26.83 4.40 -8.46
C GLY A 398 -26.45 3.59 -7.24
N THR A 399 -25.76 4.19 -6.26
CA THR A 399 -25.51 3.51 -4.98
C THR A 399 -26.66 3.89 -4.05
N SER A 400 -27.59 2.96 -3.84
CA SER A 400 -28.71 3.23 -2.98
C SER A 400 -28.25 3.43 -1.53
N LYS A 401 -29.14 3.95 -0.66
CA LYS A 401 -28.89 3.85 0.78
C LYS A 401 -28.85 2.42 1.20
N SER A 402 -29.62 1.58 0.52
CA SER A 402 -29.62 0.17 0.88
C SER A 402 -28.25 -0.42 0.64
N ASN A 403 -27.58 0.02 -0.44
CA ASN A 403 -26.22 -0.46 -0.70
C ASN A 403 -25.21 0.16 0.25
N LEU A 404 -25.44 1.41 0.67
CA LEU A 404 -24.56 2.02 1.67
C LEU A 404 -24.70 1.33 3.01
N LYS A 405 -25.94 1.01 3.42
CA LYS A 405 -26.15 0.32 4.68
C LYS A 405 -25.56 -1.09 4.63
N GLU A 406 -25.67 -1.76 3.49
CA GLU A 406 -25.10 -3.10 3.36
C GLU A 406 -23.58 -3.06 3.49
N ALA A 407 -22.94 -2.08 2.84
CA ALA A 407 -21.50 -1.91 3.00
C ALA A 407 -21.13 -1.47 4.41
N ARG A 408 -21.99 -0.67 5.05
CA ARG A 408 -21.71 -0.18 6.39
C ARG A 408 -21.67 -1.32 7.40
N ASP A 409 -22.64 -2.22 7.35
CA ASP A 409 -22.72 -3.30 8.34
C ASP A 409 -21.66 -4.36 8.11
N ASN A 410 -21.30 -4.61 6.85
CA ASN A 410 -20.18 -5.51 6.57
C ASN A 410 -18.87 -4.89 7.05
N PHE A 411 -18.73 -3.58 6.90
CA PHE A 411 -17.58 -2.88 7.47
C PHE A 411 -17.60 -2.97 8.99
N ASP A 412 -18.79 -2.87 9.58
CA ASP A 412 -18.90 -2.99 11.03
C ASP A 412 -18.59 -4.41 11.51
N ARG A 413 -18.92 -5.42 10.70
CA ARG A 413 -18.61 -6.80 11.07
C ARG A 413 -17.10 -7.01 11.14
N ILE A 414 -16.35 -6.38 10.24
CA ILE A 414 -14.89 -6.48 10.28
C ILE A 414 -14.37 -5.88 11.58
N ILE A 415 -14.92 -4.74 12.00
CA ILE A 415 -14.51 -4.14 13.26
C ILE A 415 -14.73 -5.09 14.42
N LYS A 416 -15.83 -5.85 14.37
CA LYS A 416 -16.14 -6.76 15.47
C LYS A 416 -15.23 -7.98 15.48
N ILE A 417 -14.84 -8.46 14.30
CA ILE A 417 -13.92 -9.60 14.23
C ILE A 417 -12.57 -9.24 14.84
N TYR A 418 -12.06 -8.04 14.54
CA TYR A 418 -10.79 -7.61 15.11
C TYR A 418 -10.91 -7.41 16.62
N LYS A 419 -12.04 -6.87 17.08
CA LYS A 419 -12.21 -6.63 18.51
C LYS A 419 -12.36 -7.94 19.28
N GLU A 420 -12.93 -8.98 18.65
CA GLU A 420 -13.04 -10.27 19.31
C GLU A 420 -11.66 -10.90 19.52
N ILE A 421 -10.78 -10.77 18.53
CA ILE A 421 -9.40 -11.20 18.70
C ILE A 421 -8.72 -10.36 19.76
N GLU A 422 -9.16 -9.12 19.93
CA GLU A 422 -8.51 -8.18 20.84
C GLU A 422 -8.91 -8.43 22.29
N GLY A 423 -10.19 -8.68 22.53
CA GLY A 423 -10.68 -8.72 23.88
C GLY A 423 -10.55 -10.07 24.57
N SER A 424 -10.89 -11.15 23.86
CA SER A 424 -10.87 -12.50 24.43
C SER A 424 -11.85 -12.62 25.59
N GLN A 425 -13.03 -12.00 25.46
CA GLN A 425 -14.07 -12.05 26.49
C GLN A 425 -15.41 -12.44 25.89
PG GTP B . -11.46 12.15 -7.96
O1G GTP B . -12.81 12.29 -7.29
O2G GTP B . -10.62 13.36 -7.64
O3G GTP B . -11.65 12.04 -9.46
O3B GTP B . -10.75 10.82 -7.40
PB GTP B . -9.16 10.78 -7.09
O1B GTP B . -8.78 9.39 -6.66
O2B GTP B . -8.34 11.23 -8.27
O3A GTP B . -9.01 11.81 -5.85
PA GTP B . -7.75 11.77 -4.86
O1A GTP B . -6.74 10.74 -5.32
O2A GTP B . -7.12 13.14 -4.75
O5' GTP B . -8.38 11.32 -3.44
C5' GTP B . -8.67 12.27 -2.43
C4' GTP B . -7.84 11.96 -1.20
O4' GTP B . -6.58 11.42 -1.57
C3' GTP B . -7.57 13.22 -0.38
O3' GTP B . -8.03 13.02 0.93
C2' GTP B . -6.06 13.38 -0.38
O2' GTP B . -5.59 13.67 0.92
C1' GTP B . -5.53 12.03 -0.87
N9 GTP B . -4.40 12.22 -1.80
C8 GTP B . -4.46 12.80 -3.04
N7 GTP B . -3.22 12.75 -3.59
C5 GTP B . -2.38 12.15 -2.72
C6 GTP B . -1.03 11.85 -2.78
O6 GTP B . -0.38 12.15 -3.78
N1 GTP B . -0.43 11.22 -1.72
C2 GTP B . -1.17 10.88 -0.60
N2 GTP B . -0.59 10.27 0.43
N3 GTP B . -2.52 11.17 -0.55
C4 GTP B . -3.12 11.80 -1.59
PB GDP C . -9.04 10.59 -7.03
O1B GDP C . -10.50 10.25 -7.23
O2B GDP C . -8.50 11.15 -8.32
O3B GDP C . -8.30 9.33 -6.66
O3A GDP C . -8.95 11.69 -5.87
PA GDP C . -7.74 11.78 -4.81
O1A GDP C . -6.63 10.80 -5.12
O2A GDP C . -7.20 13.18 -4.75
O5' GDP C . -8.46 11.42 -3.41
C5' GDP C . -8.58 12.43 -2.42
C4' GDP C . -7.86 11.98 -1.15
O4' GDP C . -6.61 11.38 -1.51
C3' GDP C . -7.54 13.20 -0.30
O3' GDP C . -8.03 12.99 1.03
C2' GDP C . -6.03 13.32 -0.30
O2' GDP C . -5.56 13.56 1.04
C1' GDP C . -5.52 11.99 -0.82
N9 GDP C . -4.40 12.17 -1.76
C8 GDP C . -4.47 12.75 -2.98
N7 GDP C . -3.25 12.74 -3.59
C5 GDP C . -2.39 12.15 -2.75
C6 GDP C . -0.94 11.83 -2.77
O6 GDP C . -0.23 12.11 -3.77
N1 GDP C . -0.42 11.21 -1.70
C2 GDP C . -1.16 10.90 -0.63
N2 GDP C . -0.56 10.27 0.42
N3 GDP C . -2.49 11.15 -0.54
C4 GDP C . -3.13 11.78 -1.55
NA NA D . -8.85 13.38 -9.37
NA NA E . -10.08 15.73 -6.99
#